data_8TYY
#
_entry.id   8TYY
#
_cell.length_a   214.891
_cell.length_b   214.891
_cell.length_c   214.891
_cell.angle_alpha   90.000
_cell.angle_beta   90.000
_cell.angle_gamma   90.000
#
_symmetry.space_group_name_H-M   'F 4 3 2'
#
loop_
_entity.id
_entity.type
_entity.pdbx_description
1 polymer Ubl(BilA)
2 polymer 'DUB(BilC) E33A Mutant'
3 non-polymer 'ZINC ION'
4 water water
#
loop_
_entity_poly.entity_id
_entity_poly.type
_entity_poly.pdbx_seq_one_letter_code
_entity_poly.pdbx_strand_id
1 'polypeptide(L)'
;MSKDSRKGDNHGGGSGKIEIIVVVNGQPTQVEANPNQPLHVVRTKALENTQNVAQPPDNWEFKDEAGNLLDVDKKIGDFG
FANTVTLFLSLKAGVAGA
;
A
2 'polypeptide(L)'
;MTPLEDVRTVALPRDCVSTVQAHLRSVGQQGHAGMALWVGVQQDQHFVIAETVIPAQRHIRTSDGVCVMVPAEELHRLNV
WLYKRGLTLLAQIHSHPGRAYHSTTDDAYAVATTIGCLSLVVPNFAREPFDLARVAAYRLDARANWNEVPSAALTRMITI
TS
;
B
#
loop_
_chem_comp.id
_chem_comp.type
_chem_comp.name
_chem_comp.formula
ZN non-polymer 'ZINC ION' 'Zn 2'
#
# COMPACT_ATOMS: atom_id res chain seq x y z
N GLY A 16 21.15 25.68 10.04
CA GLY A 16 20.31 26.04 8.91
C GLY A 16 19.53 24.83 8.37
N LYS A 17 20.06 23.63 8.63
CA LYS A 17 19.39 22.41 8.19
C LYS A 17 18.06 22.24 8.92
N ILE A 18 17.10 21.61 8.24
CA ILE A 18 15.81 21.26 8.81
C ILE A 18 15.76 19.75 8.93
N GLU A 19 15.33 19.26 10.09
CA GLU A 19 15.10 17.83 10.26
C GLU A 19 13.64 17.55 9.91
N ILE A 20 13.41 16.84 8.81
CA ILE A 20 12.06 16.52 8.37
C ILE A 20 11.81 15.05 8.65
N ILE A 21 10.81 14.79 9.49
CA ILE A 21 10.31 13.44 9.69
C ILE A 21 9.28 13.19 8.61
N VAL A 22 9.60 12.36 7.64
CA VAL A 22 8.69 12.02 6.55
C VAL A 22 8.02 10.70 6.89
N VAL A 23 6.70 10.67 6.80
CA VAL A 23 5.94 9.47 7.11
C VAL A 23 5.39 8.90 5.82
N VAL A 24 5.73 7.65 5.52
CA VAL A 24 5.30 6.96 4.30
C VAL A 24 4.65 5.64 4.70
N ASN A 25 3.40 5.43 4.29
CA ASN A 25 2.61 4.27 4.75
C ASN A 25 2.81 4.03 6.24
N GLY A 26 2.70 5.10 7.01
CA GLY A 26 2.76 5.02 8.45
C GLY A 26 4.14 4.86 9.04
N GLN A 27 5.19 4.85 8.21
CA GLN A 27 6.54 4.61 8.69
C GLN A 27 7.36 5.89 8.63
N PRO A 28 7.88 6.38 9.75
CA PRO A 28 8.66 7.61 9.73
C PRO A 28 10.11 7.38 9.37
N THR A 29 10.67 8.38 8.67
CA THR A 29 12.10 8.41 8.40
C THR A 29 12.60 9.84 8.53
N GLN A 30 13.72 10.04 9.21
CA GLN A 30 14.25 11.38 9.41
C GLN A 30 15.19 11.74 8.27
N VAL A 31 14.88 12.83 7.56
CA VAL A 31 15.69 13.34 6.45
C VAL A 31 16.21 14.71 6.83
N GLU A 32 17.53 14.88 6.81
CA GLU A 32 18.11 16.20 7.02
C GLU A 32 18.07 16.96 5.70
N ALA A 33 17.49 18.15 5.72
CA ALA A 33 17.18 18.90 4.51
C ALA A 33 17.97 20.20 4.51
N ASN A 34 18.58 20.49 3.38
CA ASN A 34 19.27 21.75 3.17
C ASN A 34 18.29 22.83 2.72
N PRO A 35 18.37 24.04 3.27
CA PRO A 35 17.40 25.08 2.86
C PRO A 35 17.42 25.38 1.38
N ASN A 36 18.55 25.22 0.70
CA ASN A 36 18.62 25.57 -0.72
C ASN A 36 18.14 24.46 -1.64
N GLN A 37 17.75 23.31 -1.09
CA GLN A 37 17.26 22.14 -1.81
C GLN A 37 15.75 22.17 -1.99
N PRO A 38 15.22 21.86 -3.18
CA PRO A 38 13.77 21.67 -3.30
C PRO A 38 13.28 20.48 -2.49
N LEU A 39 12.01 20.56 -2.14
CA LEU A 39 11.39 19.51 -1.36
C LEU A 39 11.42 18.16 -2.08
N HIS A 40 11.49 18.13 -3.42
CA HIS A 40 11.50 16.83 -4.08
C HIS A 40 12.76 16.04 -3.77
N VAL A 41 13.84 16.69 -3.33
CA VAL A 41 15.03 15.95 -2.90
C VAL A 41 14.71 15.11 -1.67
N VAL A 42 13.89 15.66 -0.77
CA VAL A 42 13.46 14.94 0.42
C VAL A 42 12.53 13.79 0.07
N ARG A 43 11.66 13.99 -0.91
CA ARG A 43 10.77 12.93 -1.36
C ARG A 43 11.57 11.70 -1.79
N THR A 44 12.57 11.91 -2.64
CA THR A 44 13.37 10.80 -3.14
C THR A 44 14.05 10.05 -1.99
N LYS A 45 14.65 10.78 -1.05
CA LYS A 45 15.35 10.14 0.05
C LYS A 45 14.39 9.37 0.94
N ALA A 46 13.21 9.94 1.20
CA ALA A 46 12.27 9.28 2.09
C ALA A 46 11.77 7.99 1.49
N LEU A 47 11.50 7.97 0.19
CA LEU A 47 11.03 6.75 -0.45
C LEU A 47 12.11 5.68 -0.45
N GLU A 48 13.37 6.07 -0.67
CA GLU A 48 14.49 5.13 -0.58
C GLU A 48 14.58 4.55 0.82
N ASN A 49 14.56 5.43 1.83
CA ASN A 49 14.76 4.99 3.21
C ASN A 49 13.70 4.01 3.64
N THR A 50 12.45 4.22 3.20
CA THR A 50 11.34 3.38 3.61
C THR A 50 11.04 2.25 2.63
N GLN A 51 11.85 2.11 1.58
CA GLN A 51 11.77 1.01 0.61
C GLN A 51 10.45 1.01 -0.15
N ASN A 52 9.90 2.19 -0.42
CA ASN A 52 8.64 2.28 -1.14
C ASN A 52 8.98 2.53 -2.61
N VAL A 53 8.84 1.49 -3.42
CA VAL A 53 9.29 1.50 -4.80
C VAL A 53 8.19 1.18 -5.80
N ALA A 54 6.99 0.77 -5.38
CA ALA A 54 6.04 0.25 -6.37
C ALA A 54 5.50 1.33 -7.30
N GLN A 55 5.54 2.60 -6.89
CA GLN A 55 5.28 3.72 -7.77
C GLN A 55 6.44 4.68 -7.65
N PRO A 56 6.85 5.30 -8.76
CA PRO A 56 8.05 6.17 -8.74
C PRO A 56 7.79 7.45 -7.98
N PRO A 57 8.86 8.20 -7.64
CA PRO A 57 8.69 9.40 -6.81
C PRO A 57 7.67 10.42 -7.33
N ASP A 58 7.61 10.55 -8.64
CA ASP A 58 6.67 11.40 -9.34
C ASP A 58 5.23 11.21 -8.86
N ASN A 59 4.92 10.03 -8.32
CA ASN A 59 3.54 9.62 -8.03
C ASN A 59 3.15 9.81 -6.57
N TRP A 60 3.94 10.58 -5.82
CA TRP A 60 3.71 10.80 -4.40
C TRP A 60 3.69 12.30 -4.15
N GLU A 61 2.93 12.72 -3.14
CA GLU A 61 2.85 14.13 -2.80
C GLU A 61 2.91 14.31 -1.29
N PHE A 62 3.37 15.48 -0.89
CA PHE A 62 3.51 15.84 0.51
C PHE A 62 2.30 16.62 1.02
N LYS A 63 1.84 16.25 2.20
CA LYS A 63 0.88 17.04 2.94
C LYS A 63 1.39 17.31 4.35
N ASP A 64 1.07 18.49 4.86
CA ASP A 64 1.39 18.78 6.25
C ASP A 64 0.30 18.23 7.17
N GLU A 65 0.46 18.49 8.48
CA GLU A 65 -0.44 17.93 9.48
C GLU A 65 -1.85 18.55 9.40
N ALA A 66 -2.09 19.56 8.55
CA ALA A 66 -3.41 20.12 8.31
C ALA A 66 -3.98 19.75 6.95
N GLY A 67 -3.32 18.85 6.23
CA GLY A 67 -3.77 18.43 4.92
C GLY A 67 -3.43 19.35 3.78
N ASN A 68 -2.63 20.39 4.01
CA ASN A 68 -2.20 21.27 2.93
C ASN A 68 -1.21 20.53 2.05
N LEU A 69 -1.42 20.61 0.74
CA LEU A 69 -0.50 20.03 -0.23
C LEU A 69 0.67 20.99 -0.43
N LEU A 70 1.90 20.48 -0.36
CA LEU A 70 3.09 21.30 -0.45
C LEU A 70 3.66 21.24 -1.88
N ASP A 71 4.17 22.38 -2.34
CA ASP A 71 4.81 22.46 -3.65
C ASP A 71 6.16 21.77 -3.59
N VAL A 72 6.31 20.64 -4.29
CA VAL A 72 7.56 19.89 -4.19
C VAL A 72 8.73 20.57 -4.91
N ASP A 73 8.47 21.59 -5.73
CA ASP A 73 9.56 22.28 -6.39
C ASP A 73 10.06 23.47 -5.60
N LYS A 74 9.43 23.77 -4.47
CA LYS A 74 9.81 24.92 -3.66
C LYS A 74 11.01 24.55 -2.79
N LYS A 75 11.96 25.47 -2.70
CA LYS A 75 13.12 25.25 -1.85
C LYS A 75 12.69 25.15 -0.40
N ILE A 76 13.32 24.22 0.33
CA ILE A 76 12.96 23.96 1.72
C ILE A 76 13.01 25.24 2.54
N GLY A 77 14.01 26.10 2.31
CA GLY A 77 14.12 27.32 3.09
C GLY A 77 12.94 28.26 2.92
N ASP A 78 12.26 28.17 1.79
CA ASP A 78 11.17 29.10 1.51
C ASP A 78 9.88 28.72 2.22
N PHE A 79 9.85 27.55 2.88
CA PHE A 79 8.72 27.20 3.74
C PHE A 79 8.84 27.80 5.14
N GLY A 80 10.02 28.21 5.56
CA GLY A 80 10.17 28.76 6.91
C GLY A 80 9.85 27.75 7.99
N PHE A 81 10.30 26.52 7.82
CA PHE A 81 10.00 25.46 8.79
C PHE A 81 10.68 25.68 10.13
N ALA A 82 10.06 25.16 11.17
CA ALA A 82 10.70 24.93 12.46
C ALA A 82 11.87 23.97 12.28
N ASN A 83 12.71 23.88 13.31
CA ASN A 83 13.92 23.06 13.20
C ASN A 83 13.60 21.60 12.95
N THR A 84 12.48 21.09 13.48
CA THR A 84 11.97 19.78 13.14
C THR A 84 10.52 19.94 12.71
N VAL A 85 10.15 19.25 11.65
CA VAL A 85 8.77 19.22 11.14
C VAL A 85 8.45 17.81 10.66
N THR A 86 7.16 17.45 10.72
CA THR A 86 6.67 16.20 10.18
C THR A 86 5.84 16.45 8.94
N LEU A 87 6.14 15.70 7.88
CA LEU A 87 5.36 15.74 6.65
C LEU A 87 4.92 14.33 6.27
N PHE A 88 3.76 14.23 5.65
CA PHE A 88 3.20 12.97 5.20
C PHE A 88 3.37 12.87 3.70
N LEU A 89 3.99 11.80 3.25
CA LEU A 89 4.21 11.53 1.83
C LEU A 89 3.31 10.39 1.41
N SER A 90 2.35 10.69 0.53
CA SER A 90 1.28 9.76 0.20
C SER A 90 1.05 9.71 -1.31
N LEU A 91 0.46 8.60 -1.75
CA LEU A 91 0.25 8.38 -3.17
C LEU A 91 -0.81 9.33 -3.73
N LYS A 92 -0.60 9.73 -4.97
CA LYS A 92 -1.58 10.51 -5.72
C LYS A 92 -2.73 9.64 -6.20
N ALA A 93 -2.47 8.36 -6.47
CA ALA A 93 -3.52 7.48 -6.96
C ALA A 93 -3.15 6.03 -6.66
N GLY A 94 -4.17 5.22 -6.42
CA GLY A 94 -3.98 3.78 -6.29
C GLY A 94 -5.07 3.09 -7.10
N VAL A 95 -4.67 2.15 -7.97
CA VAL A 95 -5.60 1.57 -8.93
C VAL A 95 -5.30 0.08 -9.04
N ALA A 96 -6.37 -0.72 -9.10
CA ALA A 96 -6.22 -2.13 -9.41
C ALA A 96 -7.37 -2.55 -10.32
N GLY A 97 -7.15 -3.62 -11.08
CA GLY A 97 -8.22 -4.25 -11.83
C GLY A 97 -7.76 -5.22 -12.91
N MET B 1 15.67 -1.94 12.59
CA MET B 1 14.37 -2.65 12.46
C MET B 1 14.36 -3.54 11.22
N THR B 2 13.85 -4.75 11.37
CA THR B 2 13.84 -5.68 10.25
C THR B 2 12.95 -5.14 9.14
N PRO B 3 13.42 -5.11 7.90
CA PRO B 3 12.57 -4.65 6.80
C PRO B 3 11.47 -5.66 6.45
N LEU B 4 10.40 -5.12 5.87
CA LEU B 4 9.28 -5.96 5.44
C LEU B 4 9.72 -7.02 4.45
N GLU B 5 10.75 -6.72 3.64
CA GLU B 5 11.30 -7.68 2.69
C GLU B 5 11.70 -9.00 3.36
N ASP B 6 12.05 -8.95 4.65
CA ASP B 6 12.51 -10.14 5.34
C ASP B 6 11.38 -11.00 5.92
N VAL B 7 10.12 -10.58 5.80
CA VAL B 7 9.03 -11.40 6.30
C VAL B 7 8.98 -12.72 5.54
N ARG B 8 8.86 -13.82 6.28
CA ARG B 8 8.72 -15.15 5.69
C ARG B 8 7.47 -15.88 6.15
N THR B 9 6.89 -15.50 7.28
CA THR B 9 5.67 -16.14 7.76
C THR B 9 4.68 -15.06 8.15
N VAL B 10 3.40 -15.36 7.95
CA VAL B 10 2.31 -14.41 8.12
C VAL B 10 1.18 -15.14 8.83
N ALA B 11 0.69 -14.56 9.93
CA ALA B 11 -0.51 -15.04 10.61
C ALA B 11 -1.68 -14.17 10.17
N LEU B 12 -2.70 -14.82 9.62
CA LEU B 12 -3.89 -14.16 9.08
C LEU B 12 -5.13 -14.57 9.84
N PRO B 13 -5.73 -13.72 10.65
CA PRO B 13 -6.94 -14.13 11.37
C PRO B 13 -8.09 -14.42 10.43
N ARG B 14 -8.87 -15.43 10.78
CA ARG B 14 -10.02 -15.80 9.96
C ARG B 14 -10.98 -14.63 9.81
N ASP B 15 -11.15 -13.81 10.86
CA ASP B 15 -12.08 -12.69 10.76
C ASP B 15 -11.60 -11.66 9.74
N CYS B 16 -10.28 -11.55 9.54
CA CYS B 16 -9.76 -10.64 8.53
C CYS B 16 -10.02 -11.18 7.13
N VAL B 17 -10.00 -12.50 6.97
CA VAL B 17 -10.41 -13.09 5.69
C VAL B 17 -11.88 -12.76 5.43
N SER B 18 -12.73 -12.95 6.46
CA SER B 18 -14.16 -12.74 6.26
C SER B 18 -14.48 -11.31 5.83
N THR B 19 -13.81 -10.31 6.41
N THR B 19 -13.80 -10.32 6.42
CA THR B 19 -14.11 -8.93 6.02
CA THR B 19 -14.03 -8.93 6.07
C THR B 19 -13.64 -8.63 4.60
C THR B 19 -13.66 -8.68 4.60
N VAL B 20 -12.53 -9.21 4.16
CA VAL B 20 -12.13 -9.05 2.75
C VAL B 20 -13.17 -9.68 1.84
N GLN B 21 -13.50 -10.96 2.08
CA GLN B 21 -14.36 -11.66 1.15
C GLN B 21 -15.75 -11.05 1.13
N ALA B 22 -16.24 -10.58 2.29
CA ALA B 22 -17.57 -9.95 2.29
C ALA B 22 -17.60 -8.72 1.40
N HIS B 23 -16.56 -7.90 1.47
CA HIS B 23 -16.52 -6.70 0.64
C HIS B 23 -16.40 -7.07 -0.83
N LEU B 24 -15.46 -7.96 -1.16
CA LEU B 24 -15.27 -8.31 -2.57
C LEU B 24 -16.52 -8.94 -3.15
N ARG B 25 -17.16 -9.84 -2.40
CA ARG B 25 -18.35 -10.50 -2.91
C ARG B 25 -19.49 -9.51 -3.07
N SER B 26 -19.63 -8.58 -2.11
CA SER B 26 -20.70 -7.59 -2.16
C SER B 26 -20.62 -6.73 -3.40
N VAL B 27 -19.45 -6.12 -3.66
CA VAL B 27 -19.36 -5.26 -4.84
C VAL B 27 -19.34 -6.11 -6.11
N GLY B 28 -18.86 -7.35 -5.99
CA GLY B 28 -18.86 -8.28 -7.11
C GLY B 28 -20.25 -8.70 -7.54
N GLN B 29 -21.22 -8.69 -6.63
CA GLN B 29 -22.60 -8.95 -7.03
C GLN B 29 -23.17 -7.84 -7.90
N GLN B 30 -22.57 -6.65 -7.85
CA GLN B 30 -22.89 -5.53 -8.73
C GLN B 30 -21.95 -5.46 -9.94
N GLY B 31 -21.11 -6.47 -10.16
CA GLY B 31 -20.20 -6.47 -11.29
C GLY B 31 -18.99 -5.58 -11.13
N HIS B 32 -18.59 -5.28 -9.90
CA HIS B 32 -17.46 -4.42 -9.63
C HIS B 32 -16.31 -5.18 -9.00
N ALA B 33 -15.10 -4.70 -9.28
CA ALA B 33 -13.92 -5.10 -8.57
C ALA B 33 -13.86 -4.36 -7.25
N GLY B 34 -13.37 -5.02 -6.21
CA GLY B 34 -13.14 -4.36 -4.95
C GLY B 34 -11.69 -4.40 -4.53
N MET B 35 -11.33 -3.57 -3.54
CA MET B 35 -9.99 -3.57 -2.98
C MET B 35 -10.07 -3.59 -1.45
N ALA B 36 -9.16 -4.34 -0.85
CA ALA B 36 -9.00 -4.40 0.60
C ALA B 36 -7.51 -4.41 0.90
N LEU B 37 -7.18 -4.15 2.16
CA LEU B 37 -5.80 -4.11 2.61
C LEU B 37 -5.66 -4.88 3.90
N TRP B 38 -4.51 -5.53 4.08
CA TRP B 38 -4.17 -6.15 5.35
C TRP B 38 -3.02 -5.41 6.00
N VAL B 39 -3.22 -5.06 7.26
CA VAL B 39 -2.26 -4.28 8.04
C VAL B 39 -1.99 -5.03 9.33
N GLY B 40 -0.81 -4.79 9.92
CA GLY B 40 -0.45 -5.50 11.12
C GLY B 40 0.92 -5.09 11.66
N VAL B 41 1.57 -6.01 12.36
CA VAL B 41 2.81 -5.74 13.06
C VAL B 41 3.82 -6.82 12.74
N GLN B 42 5.04 -6.40 12.45
CA GLN B 42 6.14 -7.32 12.16
C GLN B 42 6.94 -7.63 13.42
N GLN B 43 7.33 -8.89 13.56
CA GLN B 43 8.26 -9.33 14.60
C GLN B 43 9.32 -10.21 13.92
N ASP B 44 10.48 -9.61 13.62
CA ASP B 44 11.59 -10.32 12.99
C ASP B 44 11.09 -10.78 11.62
N GLN B 45 11.12 -12.07 11.30
CA GLN B 45 10.65 -12.53 10.00
C GLN B 45 9.19 -12.98 10.01
N HIS B 46 8.46 -12.67 11.07
CA HIS B 46 7.05 -13.02 11.20
C HIS B 46 6.22 -11.76 11.12
N PHE B 47 5.01 -11.88 10.57
CA PHE B 47 4.10 -10.74 10.48
C PHE B 47 2.72 -11.20 10.96
N VAL B 48 2.13 -10.45 11.90
CA VAL B 48 0.80 -10.73 12.40
C VAL B 48 -0.16 -9.70 11.82
N ILE B 49 -1.08 -10.14 10.97
CA ILE B 49 -2.12 -9.26 10.47
C ILE B 49 -3.10 -8.97 11.60
N ALA B 50 -3.41 -7.70 11.78
CA ALA B 50 -4.28 -7.24 12.86
C ALA B 50 -5.65 -6.82 12.37
N GLU B 51 -5.71 -6.20 11.19
CA GLU B 51 -6.95 -5.62 10.70
C GLU B 51 -7.00 -5.67 9.19
N THR B 52 -8.23 -5.67 8.69
CA THR B 52 -8.54 -5.44 7.29
C THR B 52 -9.04 -4.02 7.14
N VAL B 53 -8.51 -3.30 6.17
CA VAL B 53 -8.98 -1.98 5.80
C VAL B 53 -9.71 -2.09 4.47
N ILE B 54 -10.92 -1.57 4.42
CA ILE B 54 -11.63 -1.38 3.14
C ILE B 54 -11.54 0.11 2.82
N PRO B 55 -10.63 0.54 1.96
CA PRO B 55 -10.47 1.97 1.72
C PRO B 55 -11.63 2.50 0.92
N ALA B 56 -11.95 3.77 1.12
CA ALA B 56 -12.87 4.42 0.21
C ALA B 56 -12.36 4.22 -1.20
N GLN B 57 -13.28 3.87 -2.12
CA GLN B 57 -12.88 3.45 -3.44
C GLN B 57 -14.01 3.71 -4.43
N ARG B 58 -13.64 3.95 -5.67
CA ARG B 58 -14.58 4.11 -6.76
C ARG B 58 -14.40 2.99 -7.78
N HIS B 59 -15.49 2.68 -8.43
CA HIS B 59 -15.58 1.60 -9.41
C HIS B 59 -15.77 2.21 -10.79
N ILE B 60 -14.87 1.89 -11.71
CA ILE B 60 -14.80 2.51 -13.02
C ILE B 60 -14.74 1.39 -14.05
N ARG B 61 -15.39 1.63 -15.18
CA ARG B 61 -15.40 0.72 -16.32
C ARG B 61 -14.29 1.16 -17.27
N THR B 62 -13.43 0.22 -17.63
CA THR B 62 -12.31 0.50 -18.51
C THR B 62 -12.64 -0.01 -19.91
N SER B 63 -11.73 0.22 -20.84
CA SER B 63 -11.97 -0.20 -22.22
C SER B 63 -12.30 -1.69 -22.29
N ASP B 64 -11.59 -2.51 -21.53
CA ASP B 64 -11.70 -3.96 -21.60
C ASP B 64 -12.31 -4.61 -20.37
N GLY B 65 -12.51 -3.86 -19.28
CA GLY B 65 -12.86 -4.50 -18.04
C GLY B 65 -13.32 -3.51 -16.98
N VAL B 66 -12.90 -3.74 -15.75
CA VAL B 66 -13.27 -2.92 -14.61
C VAL B 66 -12.01 -2.59 -13.82
N CYS B 67 -12.09 -1.52 -13.04
CA CYS B 67 -11.05 -1.27 -12.09
C CYS B 67 -11.64 -0.62 -10.86
N VAL B 68 -10.82 -0.55 -9.84
CA VAL B 68 -11.16 0.08 -8.58
C VAL B 68 -10.06 1.11 -8.30
N MET B 69 -10.47 2.34 -7.98
CA MET B 69 -9.55 3.45 -7.74
C MET B 69 -9.70 3.95 -6.30
N VAL B 70 -8.58 4.16 -5.63
CA VAL B 70 -8.56 4.76 -4.29
C VAL B 70 -8.08 6.20 -4.42
N PRO B 71 -8.84 7.17 -3.95
CA PRO B 71 -8.47 8.57 -4.19
C PRO B 71 -7.36 9.03 -3.27
N ALA B 72 -6.70 10.10 -3.71
CA ALA B 72 -5.55 10.61 -2.99
C ALA B 72 -5.89 10.93 -1.54
N GLU B 73 -7.06 11.52 -1.29
CA GLU B 73 -7.40 11.89 0.09
C GLU B 73 -7.43 10.67 0.98
N GLU B 74 -7.86 9.54 0.43
CA GLU B 74 -7.97 8.32 1.21
C GLU B 74 -6.60 7.69 1.43
N LEU B 75 -5.72 7.77 0.44
CA LEU B 75 -4.36 7.27 0.59
C LEU B 75 -3.57 8.07 1.62
N HIS B 76 -3.87 9.37 1.72
CA HIS B 76 -3.30 10.18 2.79
C HIS B 76 -3.87 9.78 4.15
N ARG B 77 -5.19 9.62 4.23
CA ARG B 77 -5.81 9.20 5.48
C ARG B 77 -5.26 7.87 5.94
N LEU B 78 -5.02 6.94 5.00
CA LEU B 78 -4.43 5.64 5.33
C LEU B 78 -3.05 5.80 5.95
N ASN B 79 -2.22 6.63 5.34
CA ASN B 79 -0.87 6.90 5.83
C ASN B 79 -0.90 7.40 7.26
N VAL B 80 -1.74 8.42 7.52
CA VAL B 80 -1.83 8.97 8.87
C VAL B 80 -2.32 7.91 9.85
N TRP B 81 -3.34 7.15 9.46
CA TRP B 81 -3.92 6.15 10.36
C TRP B 81 -2.92 5.08 10.73
N LEU B 82 -2.18 4.57 9.74
CA LEU B 82 -1.13 3.60 10.04
C LEU B 82 -0.14 4.16 11.05
N TYR B 83 0.25 5.43 10.89
CA TYR B 83 1.19 6.08 11.79
C TYR B 83 0.62 6.20 13.19
N LYS B 84 -0.63 6.64 13.30
CA LYS B 84 -1.28 6.81 14.58
C LYS B 84 -1.45 5.50 15.34
N ARG B 85 -1.68 4.40 14.62
CA ARG B 85 -1.96 3.11 15.20
C ARG B 85 -0.71 2.26 15.39
N GLY B 86 0.43 2.69 14.86
CA GLY B 86 1.63 1.85 14.91
C GLY B 86 1.53 0.60 14.05
N LEU B 87 0.82 0.68 12.93
CA LEU B 87 0.59 -0.47 12.05
C LEU B 87 1.36 -0.32 10.75
N THR B 88 1.55 -1.46 10.09
CA THR B 88 2.29 -1.59 8.85
C THR B 88 1.40 -2.22 7.79
N LEU B 89 1.48 -1.68 6.57
CA LEU B 89 0.73 -2.20 5.43
C LEU B 89 1.49 -3.37 4.81
N LEU B 90 0.90 -4.56 4.85
CA LEU B 90 1.52 -5.74 4.27
C LEU B 90 1.00 -6.05 2.87
N ALA B 91 -0.31 -6.02 2.69
CA ALA B 91 -0.89 -6.59 1.49
C ALA B 91 -2.07 -5.77 1.00
N GLN B 92 -2.22 -5.78 -0.32
CA GLN B 92 -3.47 -5.41 -0.96
C GLN B 92 -4.12 -6.64 -1.58
N ILE B 93 -5.44 -6.60 -1.65
CA ILE B 93 -6.24 -7.68 -2.20
C ILE B 93 -7.27 -7.04 -3.11
N HIS B 94 -7.40 -7.56 -4.33
CA HIS B 94 -8.49 -7.11 -5.19
C HIS B 94 -9.06 -8.27 -5.98
N SER B 95 -10.22 -8.03 -6.57
CA SER B 95 -10.91 -9.05 -7.35
C SER B 95 -10.91 -8.73 -8.84
N HIS B 96 -11.03 -9.80 -9.63
CA HIS B 96 -11.24 -9.79 -11.07
C HIS B 96 -12.60 -10.38 -11.41
N PRO B 97 -13.17 -9.99 -12.55
CA PRO B 97 -14.43 -10.64 -13.00
C PRO B 97 -14.28 -12.11 -13.26
N GLY B 98 -13.12 -12.51 -13.80
CA GLY B 98 -12.87 -13.90 -14.12
C GLY B 98 -11.54 -14.35 -13.56
N ARG B 99 -10.64 -14.76 -14.46
CA ARG B 99 -9.34 -15.28 -14.04
C ARG B 99 -8.57 -14.24 -13.25
N ALA B 100 -7.86 -14.70 -12.21
CA ALA B 100 -7.00 -13.86 -11.39
C ALA B 100 -5.57 -13.85 -11.92
N TYR B 101 -4.98 -12.64 -11.96
CA TYR B 101 -3.62 -12.40 -12.43
C TYR B 101 -3.30 -10.94 -12.11
N HIS B 102 -2.04 -10.55 -12.29
CA HIS B 102 -1.65 -9.15 -12.15
C HIS B 102 -1.62 -8.51 -13.53
N SER B 103 -2.50 -7.54 -13.74
CA SER B 103 -2.58 -6.84 -15.01
C SER B 103 -1.48 -5.78 -15.08
N THR B 104 -1.35 -5.16 -16.26
N THR B 104 -1.34 -5.16 -16.26
CA THR B 104 -0.44 -4.04 -16.40
CA THR B 104 -0.41 -4.03 -16.37
C THR B 104 -0.83 -2.90 -15.46
C THR B 104 -0.82 -2.90 -15.45
N THR B 105 -2.12 -2.65 -15.30
CA THR B 105 -2.57 -1.64 -14.35
C THR B 105 -2.18 -2.01 -12.93
N ASP B 106 -2.40 -3.27 -12.56
CA ASP B 106 -2.05 -3.73 -11.22
C ASP B 106 -0.57 -3.50 -10.94
N ASP B 107 0.27 -3.83 -11.92
CA ASP B 107 1.71 -3.69 -11.77
C ASP B 107 2.12 -2.26 -11.54
N ALA B 108 1.35 -1.30 -12.09
CA ALA B 108 1.79 0.09 -12.14
C ALA B 108 1.33 0.95 -10.98
N TYR B 109 0.16 0.69 -10.39
CA TYR B 109 -0.47 1.66 -9.48
C TYR B 109 -0.85 1.04 -8.14
N ALA B 110 -0.01 0.16 -7.62
CA ALA B 110 -0.28 -0.47 -6.34
C ALA B 110 -0.31 0.52 -5.18
N VAL B 111 -1.13 0.18 -4.18
CA VAL B 111 -1.20 0.87 -2.90
C VAL B 111 -0.19 0.32 -1.91
N ALA B 112 0.01 -0.99 -1.92
CA ALA B 112 0.98 -1.66 -1.05
C ALA B 112 2.33 -1.54 -1.74
N THR B 113 3.08 -0.50 -1.42
CA THR B 113 4.18 -0.06 -2.26
C THR B 113 5.58 -0.46 -1.78
N THR B 114 5.69 -1.09 -0.62
CA THR B 114 6.97 -1.34 0.03
C THR B 114 7.55 -2.65 -0.49
N ILE B 115 8.87 -2.68 -0.69
CA ILE B 115 9.52 -3.94 -1.03
C ILE B 115 9.09 -4.99 -0.01
N GLY B 116 8.64 -6.14 -0.50
CA GLY B 116 8.15 -7.18 0.39
C GLY B 116 6.64 -7.24 0.51
N CYS B 117 5.93 -6.21 0.06
CA CYS B 117 4.48 -6.22 0.10
C CYS B 117 3.92 -7.29 -0.83
N LEU B 118 2.72 -7.73 -0.47
CA LEU B 118 1.96 -8.70 -1.24
C LEU B 118 0.79 -8.03 -1.94
N SER B 119 0.43 -8.60 -3.09
CA SER B 119 -0.77 -8.22 -3.83
C SER B 119 -1.47 -9.51 -4.25
N LEU B 120 -2.65 -9.74 -3.71
CA LEU B 120 -3.43 -10.95 -3.98
C LEU B 120 -4.61 -10.60 -4.87
N VAL B 121 -4.91 -11.48 -5.82
CA VAL B 121 -6.00 -11.27 -6.76
C VAL B 121 -6.99 -12.43 -6.65
N VAL B 122 -8.24 -12.09 -6.42
CA VAL B 122 -9.30 -13.06 -6.16
C VAL B 122 -10.13 -13.21 -7.44
N PRO B 123 -10.35 -14.42 -7.95
CA PRO B 123 -11.06 -14.58 -9.21
C PRO B 123 -12.58 -14.52 -9.02
N ASN B 124 -13.26 -14.39 -10.16
CA ASN B 124 -14.70 -14.60 -10.28
C ASN B 124 -15.51 -13.74 -9.31
N PHE B 125 -15.09 -12.49 -9.15
CA PHE B 125 -15.81 -11.54 -8.29
C PHE B 125 -15.99 -12.09 -6.88
N ALA B 126 -15.06 -12.94 -6.43
CA ALA B 126 -15.05 -13.48 -5.07
C ALA B 126 -16.31 -14.29 -4.77
N ARG B 127 -16.89 -14.91 -5.80
CA ARG B 127 -18.09 -15.71 -5.59
C ARG B 127 -17.80 -16.97 -4.78
N GLU B 128 -16.62 -17.53 -4.90
CA GLU B 128 -16.27 -18.75 -4.17
C GLU B 128 -15.62 -18.39 -2.83
N PRO B 129 -15.61 -19.33 -1.89
CA PRO B 129 -14.94 -19.08 -0.61
C PRO B 129 -13.49 -18.66 -0.80
N PHE B 130 -13.02 -17.77 0.06
CA PHE B 130 -11.64 -17.35 0.00
C PHE B 130 -10.73 -18.55 0.25
N ASP B 131 -9.74 -18.72 -0.61
CA ASP B 131 -8.85 -19.87 -0.54
C ASP B 131 -7.47 -19.42 -1.01
N LEU B 132 -6.47 -19.59 -0.16
CA LEU B 132 -5.12 -19.15 -0.53
C LEU B 132 -4.54 -19.90 -1.73
N ALA B 133 -5.07 -21.08 -2.06
CA ALA B 133 -4.62 -21.76 -3.27
C ALA B 133 -5.41 -21.35 -4.52
N ARG B 134 -6.46 -20.57 -4.37
CA ARG B 134 -7.27 -20.10 -5.50
C ARG B 134 -6.85 -18.72 -5.98
N VAL B 135 -6.27 -17.90 -5.11
CA VAL B 135 -5.87 -16.55 -5.50
C VAL B 135 -4.63 -16.61 -6.38
N ALA B 136 -4.39 -15.50 -7.10
CA ALA B 136 -3.12 -15.24 -7.75
C ALA B 136 -2.39 -14.20 -6.92
N ALA B 137 -1.24 -14.57 -6.39
CA ALA B 137 -0.50 -13.68 -5.50
C ALA B 137 0.83 -13.26 -6.08
N TYR B 138 1.24 -12.04 -5.73
CA TYR B 138 2.46 -11.40 -6.22
C TYR B 138 3.14 -10.72 -5.04
N ARG B 139 4.47 -10.63 -5.10
CA ARG B 139 5.26 -9.94 -4.09
C ARG B 139 6.24 -8.99 -4.76
N LEU B 140 6.38 -7.80 -4.17
CA LEU B 140 7.19 -6.74 -4.76
C LEU B 140 8.66 -6.89 -4.39
N ASP B 141 9.52 -6.88 -5.40
CA ASP B 141 10.95 -7.02 -5.16
C ASP B 141 11.62 -5.65 -5.23
N ALA B 142 12.93 -5.66 -5.00
CA ALA B 142 13.65 -4.40 -4.84
C ALA B 142 13.80 -3.64 -6.16
N ARG B 143 13.55 -4.29 -7.28
CA ARG B 143 13.52 -3.65 -8.59
C ARG B 143 12.12 -3.21 -8.99
N ALA B 144 11.17 -3.24 -8.06
CA ALA B 144 9.78 -2.84 -8.27
C ALA B 144 9.04 -3.77 -9.22
N ASN B 145 9.46 -5.03 -9.28
CA ASN B 145 8.73 -6.05 -10.00
C ASN B 145 7.76 -6.76 -9.06
N TRP B 146 6.55 -7.01 -9.56
CA TRP B 146 5.56 -7.82 -8.85
C TRP B 146 5.69 -9.25 -9.34
N ASN B 147 6.42 -10.07 -8.58
CA ASN B 147 6.72 -11.44 -8.97
C ASN B 147 5.72 -12.41 -8.38
N GLU B 148 5.34 -13.40 -9.18
CA GLU B 148 4.37 -14.37 -8.70
C GLU B 148 4.88 -15.14 -7.48
N VAL B 149 4.01 -15.29 -6.49
CA VAL B 149 4.18 -16.21 -5.37
C VAL B 149 3.21 -17.35 -5.63
N PRO B 150 3.66 -18.49 -6.14
CA PRO B 150 2.72 -19.55 -6.50
C PRO B 150 2.01 -20.10 -5.27
N SER B 151 0.94 -20.85 -5.56
CA SER B 151 0.05 -21.32 -4.51
C SER B 151 0.79 -22.08 -3.42
N ALA B 152 1.71 -22.98 -3.81
CA ALA B 152 2.41 -23.78 -2.82
C ALA B 152 3.17 -22.87 -1.85
N ALA B 153 3.94 -21.94 -2.38
CA ALA B 153 4.67 -21.00 -1.52
C ALA B 153 3.73 -20.12 -0.69
N LEU B 154 2.61 -19.68 -1.27
CA LEU B 154 1.72 -18.78 -0.56
C LEU B 154 1.06 -19.48 0.61
N THR B 155 0.62 -20.73 0.40
CA THR B 155 -0.03 -21.48 1.46
C THR B 155 0.95 -21.86 2.56
N ARG B 156 2.25 -21.94 2.24
CA ARG B 156 3.24 -22.13 3.29
C ARG B 156 3.48 -20.84 4.06
N MET B 157 3.50 -19.71 3.36
CA MET B 157 3.81 -18.42 3.96
C MET B 157 2.72 -17.96 4.92
N ILE B 158 1.46 -18.08 4.51
CA ILE B 158 0.33 -17.51 5.22
C ILE B 158 -0.44 -18.65 5.89
N THR B 159 -0.62 -18.52 7.19
CA THR B 159 -1.41 -19.45 7.99
C THR B 159 -2.64 -18.72 8.49
N ILE B 160 -3.82 -19.26 8.22
CA ILE B 160 -5.05 -18.65 8.72
C ILE B 160 -5.31 -19.16 10.13
N THR B 161 -5.49 -18.24 11.07
CA THR B 161 -5.65 -18.54 12.48
C THR B 161 -7.08 -18.27 12.91
N SER B 162 -7.46 -18.83 14.05
CA SER B 162 -8.79 -18.54 14.60
C SER B 162 -8.76 -18.39 16.11
ZN ZN C . -6.15 -6.87 -11.38
#